data_5TUL
#
_entry.id   5TUL
#
_cell.length_a   64.740
_cell.length_b   124.410
_cell.length_c   45.720
_cell.angle_alpha   90.00
_cell.angle_beta   90.00
_cell.angle_gamma   90.00
#
_symmetry.space_group_name_H-M   'P 21 21 2'
#
loop_
_entity.id
_entity.type
_entity.pdbx_description
1 polymer 'Tetracycline destructase Tet(55)'
2 non-polymer 'PHOSPHATE ION'
3 water water
#
_entity_poly.entity_id   1
_entity_poly.type   'polypeptide(L)'
_entity_poly.pdbx_seq_one_letter_code
;MGSSHHHHHHSSGLVPRGSHMMPHTKKILVIGASIAGPALCYWLNHYGFQPTLVEKNQSTRKGGYAIDLRGIAVDVAKQM
GIYDSVCAMRTSLQCVRYVDAAGNLLFEEHGEKGGFRQGDEVEIVRGDLVDILMKTITDIPCFYDHAIESLTQHDDHVTV
QFKNGKTENYDLVIAADGLHSATRRMVFSKDDYHLRNLGCYISVFSIPNYLQLDHCETLLEAKQKLVSITSDKDSTKAFA
GFMFRSSNSPNYIRDEASQKDFLRENFTNHGWESNKLLSLMNDANDFYFDAIMQVKMKDWTKGRIALVGDAGYTPSPLSG
QGTSLALVGAYILAGELKTATDHVAAFARYNELLKPYVEANQAFGVWVSESFLADEPLSAEQAEERNNIVLGIMKKATHA
IELPEY
;
_entity_poly.pdbx_strand_id   A
#
loop_
_chem_comp.id
_chem_comp.type
_chem_comp.name
_chem_comp.formula
PO4 non-polymer 'PHOSPHATE ION' 'O4 P -3'
#
# COMPACT_ATOMS: atom_id res chain seq x y z
N MET A 21 3.49 14.86 26.76
CA MET A 21 4.51 15.93 26.99
C MET A 21 3.92 17.32 26.71
N MET A 22 3.61 17.60 25.44
CA MET A 22 3.03 18.89 25.09
C MET A 22 1.59 18.97 25.61
N PRO A 23 1.14 20.15 26.05
CA PRO A 23 -0.26 20.30 26.43
C PRO A 23 -1.11 20.71 25.23
N HIS A 24 -2.43 20.78 25.47
CA HIS A 24 -3.37 21.40 24.52
C HIS A 24 -3.59 20.62 23.22
N THR A 25 -2.78 19.59 22.96
CA THR A 25 -2.77 18.89 21.68
C THR A 25 -3.56 17.57 21.63
N LYS A 26 -4.30 17.21 22.69
CA LYS A 26 -4.79 15.84 22.84
C LYS A 26 -5.73 15.38 21.72
N LYS A 27 -6.59 16.25 21.19
CA LYS A 27 -7.70 15.83 20.34
C LYS A 27 -7.28 15.83 18.86
N ILE A 28 -7.21 14.64 18.26
CA ILE A 28 -6.63 14.45 16.93
C ILE A 28 -7.57 13.61 16.08
N LEU A 29 -7.90 14.10 14.89
CA LEU A 29 -8.64 13.34 13.91
C LEU A 29 -7.69 12.61 12.97
N VAL A 30 -7.99 11.34 12.68
CA VAL A 30 -7.22 10.54 11.73
C VAL A 30 -8.16 10.09 10.61
N ILE A 31 -7.75 10.34 9.36
CA ILE A 31 -8.62 10.12 8.20
C ILE A 31 -8.09 8.96 7.37
N GLY A 32 -8.95 7.96 7.21
CA GLY A 32 -8.80 6.73 6.44
C GLY A 32 -8.47 5.56 7.32
N ALA A 33 -9.11 4.43 7.07
CA ALA A 33 -8.81 3.24 7.84
C ALA A 33 -8.24 2.21 6.90
N SER A 34 -6.91 2.18 6.78
CA SER A 34 -6.34 1.05 6.09
C SER A 34 -5.15 0.44 6.82
N ILE A 35 -3.97 1.05 6.72
CA ILE A 35 -2.79 0.64 7.49
C ILE A 35 -2.31 1.76 8.40
N ALA A 36 -1.86 2.87 7.81
CA ALA A 36 -1.26 3.93 8.61
C ALA A 36 -2.25 4.53 9.58
N GLY A 37 -3.49 4.69 9.18
CA GLY A 37 -4.50 5.31 10.01
C GLY A 37 -4.74 4.57 11.31
N PRO A 38 -5.10 3.29 11.21
CA PRO A 38 -5.31 2.52 12.44
C PRO A 38 -4.06 2.37 13.29
N ALA A 39 -2.90 2.13 12.66
CA ALA A 39 -1.66 2.02 13.42
C ALA A 39 -1.34 3.32 14.15
N LEU A 40 -1.58 4.46 13.49
CA LEU A 40 -1.36 5.75 14.13
C LEU A 40 -2.28 5.94 15.33
N CYS A 41 -3.56 5.54 15.19
CA CYS A 41 -4.50 5.65 16.30
C CYS A 41 -4.05 4.82 17.49
N TYR A 42 -3.50 3.63 17.23
CA TYR A 42 -3.01 2.79 18.33
C TYR A 42 -1.95 3.52 19.14
N TRP A 43 -0.95 4.07 18.47
CA TRP A 43 0.18 4.69 19.17
C TRP A 43 -0.21 6.02 19.81
N LEU A 44 -1.05 6.81 19.14
CA LEU A 44 -1.50 8.07 19.73
C LEU A 44 -2.25 7.80 21.04
N ASN A 45 -3.17 6.83 21.00
CA ASN A 45 -3.88 6.42 22.21
C ASN A 45 -2.91 5.90 23.27
N HIS A 46 -1.91 5.13 22.84
CA HIS A 46 -0.94 4.58 23.77
C HIS A 46 -0.16 5.67 24.50
N TYR A 47 0.07 6.80 23.83
CA TYR A 47 0.85 7.91 24.38
C TYR A 47 -0.02 8.94 25.09
N GLY A 48 -1.32 8.70 25.21
CA GLY A 48 -2.19 9.56 25.96
C GLY A 48 -2.96 10.58 25.15
N PHE A 49 -2.87 10.54 23.81
CA PHE A 49 -3.69 11.44 23.01
C PHE A 49 -5.10 10.86 22.92
N GLN A 50 -6.00 11.62 22.30
CA GLN A 50 -7.40 11.25 22.16
C GLN A 50 -7.75 11.20 20.68
N PRO A 51 -7.36 10.14 19.99
CA PRO A 51 -7.63 10.03 18.55
C PRO A 51 -9.07 9.64 18.24
N THR A 52 -9.55 10.15 17.11
CA THR A 52 -10.80 9.72 16.48
C THR A 52 -10.48 9.30 15.06
N LEU A 53 -10.97 8.12 14.66
CA LEU A 53 -10.78 7.60 13.31
C LEU A 53 -12.05 7.77 12.50
N VAL A 54 -11.90 8.22 11.25
CA VAL A 54 -13.03 8.34 10.32
C VAL A 54 -12.62 7.76 8.98
N GLU A 55 -13.59 7.17 8.29
CA GLU A 55 -13.37 6.55 6.98
C GLU A 55 -14.47 6.98 6.04
N LYS A 56 -14.08 7.26 4.79
CA LYS A 56 -15.04 7.71 3.78
C LYS A 56 -16.00 6.58 3.39
N ASN A 57 -15.48 5.37 3.22
CA ASN A 57 -16.31 4.25 2.78
C ASN A 57 -17.21 3.79 3.92
N GLN A 58 -18.05 2.80 3.63
CA GLN A 58 -18.93 2.23 4.65
C GLN A 58 -18.23 1.19 5.51
N SER A 59 -17.11 0.64 5.05
CA SER A 59 -16.40 -0.39 5.77
C SER A 59 -14.92 -0.35 5.40
N THR A 60 -14.10 -1.00 6.23
CA THR A 60 -12.69 -1.17 5.89
C THR A 60 -12.54 -2.10 4.70
N ARG A 61 -11.37 -2.03 4.06
CA ARG A 61 -11.12 -2.85 2.88
C ARG A 61 -11.04 -4.31 3.28
N LYS A 62 -11.89 -5.14 2.66
CA LYS A 62 -11.93 -6.57 2.92
C LYS A 62 -11.07 -7.31 1.89
N GLY A 63 -10.41 -8.37 2.34
CA GLY A 63 -9.61 -9.17 1.44
C GLY A 63 -8.49 -8.35 0.83
N GLY A 64 -8.43 -8.34 -0.49
CA GLY A 64 -7.37 -7.65 -1.20
C GLY A 64 -6.23 -8.57 -1.59
N TYR A 65 -5.08 -7.96 -1.87
CA TYR A 65 -3.91 -8.68 -2.35
C TYR A 65 -2.91 -8.87 -1.21
N ALA A 66 -1.82 -9.57 -1.51
CA ALA A 66 -0.81 -9.92 -0.52
C ALA A 66 0.24 -8.81 -0.38
N ILE A 67 0.60 -8.49 0.87
CA ILE A 67 1.57 -7.48 1.19
C ILE A 67 2.56 -8.04 2.21
N ASP A 68 3.65 -7.30 2.42
CA ASP A 68 4.76 -7.78 3.24
C ASP A 68 5.08 -6.78 4.35
N LEU A 69 5.63 -7.31 5.44
CA LEU A 69 6.24 -6.52 6.50
C LEU A 69 7.72 -6.87 6.53
N ARG A 70 8.56 -5.86 6.35
CA ARG A 70 10.00 -6.07 6.21
C ARG A 70 10.76 -5.14 7.14
N GLY A 71 11.93 -5.61 7.55
CA GLY A 71 12.85 -4.77 8.29
C GLY A 71 12.24 -4.23 9.57
N ILE A 72 12.42 -2.93 9.80
CA ILE A 72 11.97 -2.29 11.02
C ILE A 72 10.45 -2.29 11.13
N ALA A 73 9.72 -2.47 10.03
CA ALA A 73 8.27 -2.60 10.12
C ALA A 73 7.89 -3.83 10.96
N VAL A 74 8.70 -4.88 10.91
CA VAL A 74 8.47 -6.04 11.76
C VAL A 74 8.61 -5.65 13.22
N ASP A 75 9.62 -4.85 13.54
CA ASP A 75 9.80 -4.40 14.92
C ASP A 75 8.63 -3.56 15.39
N VAL A 76 8.13 -2.67 14.52
CA VAL A 76 6.90 -1.94 14.83
C VAL A 76 5.79 -2.93 15.19
N ALA A 77 5.58 -3.93 14.33
CA ALA A 77 4.49 -4.88 14.57
C ALA A 77 4.68 -5.62 15.89
N LYS A 78 5.91 -6.01 16.19
CA LYS A 78 6.19 -6.67 17.47
C LYS A 78 5.86 -5.74 18.64
N GLN A 79 6.38 -4.50 18.60
CA GLN A 79 6.08 -3.55 19.68
C GLN A 79 4.59 -3.27 19.81
N MET A 80 3.83 -3.43 18.72
CA MET A 80 2.38 -3.29 18.77
C MET A 80 1.70 -4.53 19.34
N GLY A 81 2.40 -5.65 19.44
CA GLY A 81 1.81 -6.89 19.90
C GLY A 81 0.99 -7.63 18.86
N ILE A 82 1.08 -7.24 17.60
CA ILE A 82 0.31 -7.88 16.53
C ILE A 82 1.11 -8.91 15.74
N TYR A 83 2.40 -9.10 16.05
CA TYR A 83 3.23 -9.95 15.20
C TYR A 83 2.72 -11.38 15.17
N ASP A 84 2.38 -11.94 16.34
CA ASP A 84 1.85 -13.30 16.38
C ASP A 84 0.55 -13.40 15.57
N SER A 85 -0.36 -12.44 15.75
CA SER A 85 -1.62 -12.46 15.00
C SER A 85 -1.37 -12.43 13.49
N VAL A 86 -0.38 -11.65 13.05
CA VAL A 86 -0.07 -11.56 11.63
C VAL A 86 0.47 -12.89 11.12
N CYS A 87 1.36 -13.52 11.89
CA CYS A 87 1.85 -14.85 11.50
C CYS A 87 0.69 -15.85 11.37
N ALA A 88 -0.26 -15.82 12.31
CA ALA A 88 -1.37 -16.76 12.26
C ALA A 88 -2.15 -16.66 10.96
N MET A 89 -2.21 -15.45 10.38
CA MET A 89 -2.95 -15.18 9.14
C MET A 89 -2.08 -15.15 7.87
N ARG A 90 -0.81 -15.50 7.96
CA ARG A 90 0.11 -15.32 6.82
C ARG A 90 -0.29 -16.18 5.63
N THR A 91 0.21 -15.79 4.45
CA THR A 91 -0.05 -16.55 3.22
C THR A 91 0.61 -17.93 3.27
N SER A 92 -0.12 -18.91 2.75
CA SER A 92 0.23 -20.33 2.79
C SER A 92 0.76 -20.96 1.49
N LEU A 93 1.08 -20.20 0.45
CA LEU A 93 1.47 -20.83 -0.83
C LEU A 93 2.54 -21.90 -0.65
N GLN A 94 2.26 -23.09 -1.21
CA GLN A 94 3.22 -24.19 -1.22
C GLN A 94 4.24 -24.10 -2.37
N CYS A 95 3.87 -23.55 -3.54
CA CYS A 95 4.81 -23.49 -4.64
C CYS A 95 4.51 -22.32 -5.57
N VAL A 96 5.56 -21.88 -6.27
CA VAL A 96 5.50 -20.85 -7.32
C VAL A 96 6.09 -21.45 -8.59
N ARG A 97 5.29 -21.51 -9.65
CA ARG A 97 5.69 -22.12 -10.91
C ARG A 97 5.90 -21.04 -11.97
N TYR A 98 7.03 -21.09 -12.65
CA TYR A 98 7.32 -20.24 -13.79
C TYR A 98 7.23 -21.07 -15.07
N VAL A 99 6.42 -20.60 -16.02
CA VAL A 99 6.16 -21.33 -17.26
C VAL A 99 6.47 -20.44 -18.45
N ASP A 100 6.59 -21.08 -19.62
CA ASP A 100 6.77 -20.35 -20.88
C ASP A 100 5.41 -20.15 -21.55
N ALA A 101 5.44 -19.54 -22.75
CA ALA A 101 4.20 -19.23 -23.46
C ALA A 101 3.42 -20.49 -23.82
N ALA A 102 4.12 -21.61 -24.04
CA ALA A 102 3.45 -22.88 -24.29
C ALA A 102 2.90 -23.51 -23.03
N GLY A 103 3.26 -23.00 -21.85
CA GLY A 103 2.82 -23.56 -20.60
C GLY A 103 3.74 -24.62 -20.03
N ASN A 104 4.93 -24.80 -20.58
CA ASN A 104 5.86 -25.77 -20.04
C ASN A 104 6.49 -25.23 -18.75
N LEU A 105 6.70 -26.13 -17.80
CA LEU A 105 7.24 -25.72 -16.51
C LEU A 105 8.74 -25.52 -16.64
N LEU A 106 9.19 -24.28 -16.43
CA LEU A 106 10.62 -23.99 -16.46
C LEU A 106 11.28 -24.32 -15.14
N PHE A 107 10.59 -24.06 -14.02
CA PHE A 107 11.11 -24.37 -12.69
C PHE A 107 10.07 -23.98 -11.64
N GLU A 108 10.27 -24.51 -10.44
CA GLU A 108 9.41 -24.28 -9.29
C GLU A 108 10.20 -23.65 -8.15
N GLU A 109 9.47 -23.01 -7.25
CA GLU A 109 9.98 -22.67 -5.93
C GLU A 109 8.96 -23.20 -4.93
N HIS A 110 9.33 -24.22 -4.19
CA HIS A 110 8.46 -24.79 -3.17
C HIS A 110 9.25 -25.11 -1.91
N ASP A 120 11.17 -11.84 11.90
CA ASP A 120 11.41 -12.16 10.50
C ASP A 120 10.23 -11.72 9.61
N GLU A 121 10.54 -11.40 8.35
CA GLU A 121 9.54 -10.82 7.45
C GLU A 121 8.40 -11.80 7.21
N VAL A 122 7.23 -11.25 6.86
CA VAL A 122 6.02 -12.04 6.74
C VAL A 122 5.11 -11.44 5.67
N GLU A 123 4.41 -12.32 4.95
CA GLU A 123 3.47 -11.93 3.91
C GLU A 123 2.06 -12.22 4.38
N ILE A 124 1.16 -11.25 4.17
CA ILE A 124 -0.22 -11.37 4.65
C ILE A 124 -1.14 -10.62 3.69
N VAL A 125 -2.35 -11.15 3.49
CA VAL A 125 -3.33 -10.45 2.67
C VAL A 125 -3.67 -9.12 3.31
N ARG A 126 -3.79 -8.08 2.48
CA ARG A 126 -3.91 -6.72 2.98
C ARG A 126 -5.09 -6.58 3.94
N GLY A 127 -6.27 -7.01 3.53
CA GLY A 127 -7.44 -6.88 4.37
C GLY A 127 -7.30 -7.60 5.71
N ASP A 128 -6.55 -8.71 5.73
CA ASP A 128 -6.33 -9.42 6.99
C ASP A 128 -5.48 -8.60 7.94
N LEU A 129 -4.54 -7.83 7.42
CA LEU A 129 -3.73 -6.97 8.28
C LEU A 129 -4.55 -5.80 8.81
N VAL A 130 -5.37 -5.19 7.95
CA VAL A 130 -6.28 -4.14 8.38
C VAL A 130 -7.17 -4.65 9.51
N ASP A 131 -7.75 -5.85 9.33
CA ASP A 131 -8.60 -6.43 10.37
C ASP A 131 -7.85 -6.55 11.69
N ILE A 132 -6.62 -7.05 11.64
CA ILE A 132 -5.82 -7.18 12.85
C ILE A 132 -5.57 -5.81 13.49
N LEU A 133 -5.26 -4.81 12.67
CA LEU A 133 -4.97 -3.49 13.22
C LEU A 133 -6.21 -2.89 13.88
N MET A 134 -7.37 -3.00 13.23
CA MET A 134 -8.60 -2.44 13.80
C MET A 134 -8.91 -3.04 15.16
N LYS A 135 -8.61 -4.33 15.34
CA LYS A 135 -8.94 -4.98 16.61
C LYS A 135 -8.09 -4.49 17.77
N THR A 136 -6.96 -3.82 17.50
CA THR A 136 -6.16 -3.25 18.58
C THR A 136 -6.73 -1.92 19.09
N ILE A 137 -7.54 -1.24 18.28
CA ILE A 137 -8.08 0.09 18.60
C ILE A 137 -9.55 0.09 19.02
N THR A 138 -10.16 -1.07 19.33
CA THR A 138 -11.60 -1.14 19.59
C THR A 138 -12.10 -0.06 20.54
N ASP A 139 -11.25 0.45 21.42
CA ASP A 139 -11.64 1.49 22.35
C ASP A 139 -11.64 2.89 21.73
N ILE A 140 -11.27 3.00 20.46
CA ILE A 140 -11.13 4.30 19.78
C ILE A 140 -12.42 4.59 19.01
N PRO A 141 -12.96 5.80 19.09
CA PRO A 141 -14.13 6.14 18.25
C PRO A 141 -13.78 5.98 16.78
N CYS A 142 -14.67 5.31 16.05
CA CYS A 142 -14.47 5.06 14.63
C CYS A 142 -15.79 5.28 13.90
N PHE A 143 -15.78 6.14 12.88
CA PHE A 143 -16.98 6.51 12.14
C PHE A 143 -16.78 6.23 10.67
N TYR A 144 -17.61 5.35 10.10
CA TYR A 144 -17.59 5.12 8.67
C TYR A 144 -18.60 6.02 7.98
N ASP A 145 -18.60 5.96 6.66
CA ASP A 145 -19.45 6.82 5.84
C ASP A 145 -19.30 8.29 6.25
N HIS A 146 -18.13 8.68 6.75
CA HIS A 146 -17.87 10.08 7.01
C HIS A 146 -16.89 10.54 5.93
N ALA A 147 -17.43 11.19 4.90
CA ALA A 147 -16.65 11.86 3.90
C ALA A 147 -16.54 13.31 4.32
N ILE A 148 -15.39 13.92 4.04
CA ILE A 148 -15.09 15.25 4.52
C ILE A 148 -15.43 16.27 3.43
N GLU A 149 -16.19 17.29 3.81
CA GLU A 149 -16.50 18.41 2.91
C GLU A 149 -15.40 19.46 2.90
N SER A 150 -14.85 19.83 4.05
CA SER A 150 -13.85 20.90 4.11
C SER A 150 -13.00 20.78 5.36
N LEU A 151 -11.82 21.40 5.31
CA LEU A 151 -10.93 21.52 6.45
C LEU A 151 -10.42 22.96 6.51
N THR A 152 -10.69 23.63 7.63
CA THR A 152 -10.33 25.04 7.80
C THR A 152 -9.31 25.14 8.92
N GLN A 153 -8.12 25.62 8.59
CA GLN A 153 -7.07 25.77 9.59
C GLN A 153 -7.25 27.08 10.34
N HIS A 154 -7.13 27.02 11.66
CA HIS A 154 -7.09 28.20 12.51
C HIS A 154 -5.76 28.19 13.27
N ASP A 155 -5.53 29.24 14.05
CA ASP A 155 -4.28 29.31 14.80
C ASP A 155 -4.13 28.10 15.73
N ASP A 156 -5.12 27.87 16.59
CA ASP A 156 -5.04 26.82 17.61
C ASP A 156 -5.77 25.52 17.26
N HIS A 157 -6.46 25.42 16.13
CA HIS A 157 -7.19 24.19 15.84
C HIS A 157 -7.52 24.11 14.36
N VAL A 158 -8.15 22.99 13.98
CA VAL A 158 -8.66 22.78 12.63
C VAL A 158 -10.14 22.45 12.75
N THR A 159 -10.96 23.11 11.93
CA THR A 159 -12.39 22.84 11.88
C THR A 159 -12.67 21.92 10.69
N VAL A 160 -13.30 20.77 10.97
CA VAL A 160 -13.65 19.79 9.95
C VAL A 160 -15.16 19.76 9.78
N GLN A 161 -15.62 19.89 8.54
CA GLN A 161 -17.03 19.71 8.21
C GLN A 161 -17.19 18.45 7.37
N PHE A 162 -17.92 17.49 7.90
CA PHE A 162 -18.22 16.27 7.16
C PHE A 162 -19.36 16.51 6.19
N LYS A 163 -19.39 15.72 5.11
CA LYS A 163 -20.46 15.88 4.13
C LYS A 163 -21.83 15.57 4.70
N ASN A 164 -21.90 14.89 5.85
CA ASN A 164 -23.16 14.60 6.51
C ASN A 164 -23.64 15.75 7.37
N GLY A 165 -22.91 16.86 7.40
CA GLY A 165 -23.32 18.05 8.11
C GLY A 165 -22.61 18.25 9.44
N LYS A 166 -22.05 17.20 10.01
CA LYS A 166 -21.37 17.35 11.29
C LYS A 166 -20.15 18.25 11.14
N THR A 167 -19.96 19.13 12.11
CA THR A 167 -18.81 20.03 12.18
C THR A 167 -18.14 19.87 13.55
N GLU A 168 -16.82 19.73 13.57
CA GLU A 168 -16.09 19.51 14.81
C GLU A 168 -14.71 20.16 14.74
N ASN A 169 -14.19 20.53 15.89
CA ASN A 169 -12.85 21.09 16.02
C ASN A 169 -11.90 20.05 16.57
N TYR A 170 -10.68 20.03 16.01
CA TYR A 170 -9.62 19.15 16.47
C TYR A 170 -8.34 19.95 16.60
N ASP A 171 -7.48 19.52 17.54
CA ASP A 171 -6.18 20.17 17.70
C ASP A 171 -5.27 19.91 16.52
N LEU A 172 -5.28 18.68 16.00
CA LEU A 172 -4.53 18.30 14.81
C LEU A 172 -5.43 17.41 13.95
N VAL A 173 -5.11 17.37 12.65
CA VAL A 173 -5.77 16.48 11.70
C VAL A 173 -4.68 15.76 10.90
N ILE A 174 -4.79 14.44 10.78
CA ILE A 174 -3.78 13.63 10.09
C ILE A 174 -4.48 12.74 9.07
N ALA A 175 -4.09 12.88 7.79
CA ALA A 175 -4.72 12.17 6.68
C ALA A 175 -3.92 10.92 6.34
N ALA A 176 -4.54 9.76 6.54
CA ALA A 176 -4.10 8.42 6.17
C ALA A 176 -4.79 7.84 4.93
N ASP A 177 -5.46 8.65 4.11
CA ASP A 177 -6.48 8.19 3.18
C ASP A 177 -5.96 7.71 1.80
N GLY A 178 -4.65 7.54 1.59
CA GLY A 178 -4.18 6.73 0.47
C GLY A 178 -3.66 7.54 -0.70
N LEU A 179 -3.20 6.80 -1.72
CA LEU A 179 -2.52 7.41 -2.88
C LEU A 179 -3.32 8.55 -3.48
N HIS A 180 -4.62 8.36 -3.60
CA HIS A 180 -5.55 9.27 -4.25
C HIS A 180 -6.17 10.27 -3.28
N SER A 181 -5.52 10.49 -2.12
CA SER A 181 -6.11 11.11 -0.96
C SER A 181 -6.93 12.35 -1.30
N ALA A 182 -8.18 12.38 -0.81
CA ALA A 182 -9.01 13.57 -0.97
C ALA A 182 -8.52 14.69 -0.08
N THR A 183 -7.95 14.35 1.08
CA THR A 183 -7.46 15.36 2.00
C THR A 183 -6.26 16.11 1.42
N ARG A 184 -5.32 15.38 0.82
CA ARG A 184 -4.13 16.02 0.28
C ARG A 184 -4.51 17.14 -0.69
N ARG A 185 -5.34 16.82 -1.69
CA ARG A 185 -5.72 17.81 -2.70
C ARG A 185 -6.45 18.99 -2.06
N MET A 186 -7.11 18.75 -0.94
CA MET A 186 -7.87 19.77 -0.24
C MET A 186 -6.96 20.71 0.58
N VAL A 187 -5.97 20.14 1.28
CA VAL A 187 -5.07 20.90 2.16
C VAL A 187 -3.89 21.54 1.42
N PHE A 188 -3.25 20.82 0.51
CA PHE A 188 -1.96 21.24 -0.05
C PHE A 188 -2.16 21.84 -1.44
N SER A 189 -1.31 22.82 -1.77
CA SER A 189 -1.33 23.40 -3.10
C SER A 189 -0.63 22.49 -4.11
N LYS A 190 -0.98 22.69 -5.38
CA LYS A 190 -0.37 21.93 -6.47
C LYS A 190 1.15 22.05 -6.47
N ASP A 191 1.70 23.14 -5.93
CA ASP A 191 3.15 23.31 -5.87
C ASP A 191 3.80 22.47 -4.78
N ASP A 192 3.01 21.98 -3.84
CA ASP A 192 3.53 21.20 -2.72
C ASP A 192 3.77 19.74 -3.10
N TYR A 193 3.06 19.21 -4.09
CA TYR A 193 3.12 17.78 -4.38
C TYR A 193 2.89 17.54 -5.86
N HIS A 194 3.33 16.37 -6.31
CA HIS A 194 2.96 15.82 -7.60
C HIS A 194 3.08 14.32 -7.52
N LEU A 195 2.42 13.64 -8.45
CA LEU A 195 2.39 12.19 -8.52
C LEU A 195 3.28 11.75 -9.67
N ARG A 196 4.38 11.10 -9.34
CA ARG A 196 5.27 10.56 -10.36
C ARG A 196 4.65 9.29 -10.93
N ASN A 197 4.58 9.21 -12.25
CA ASN A 197 4.06 8.05 -12.96
C ASN A 197 5.25 7.23 -13.43
N LEU A 198 5.37 6.00 -12.94
CA LEU A 198 6.54 5.19 -13.21
C LEU A 198 6.46 4.46 -14.55
N GLY A 199 5.39 4.67 -15.32
CA GLY A 199 5.31 4.10 -16.65
C GLY A 199 4.95 2.63 -16.69
N CYS A 200 4.40 2.10 -15.61
CA CYS A 200 3.98 0.71 -15.50
C CYS A 200 2.53 0.66 -15.03
N TYR A 201 1.91 -0.52 -15.19
CA TYR A 201 0.54 -0.72 -14.80
C TYR A 201 0.41 -2.06 -14.06
N ILE A 202 -0.56 -2.11 -13.14
CA ILE A 202 -0.86 -3.32 -12.39
C ILE A 202 -2.37 -3.53 -12.39
N SER A 203 -2.79 -4.78 -12.52
CA SER A 203 -4.20 -5.13 -12.44
C SER A 203 -4.36 -6.47 -11.73
N VAL A 204 -5.41 -6.58 -10.93
CA VAL A 204 -5.73 -7.82 -10.21
C VAL A 204 -7.25 -7.97 -10.19
N PHE A 205 -7.73 -9.18 -10.52
CA PHE A 205 -9.14 -9.47 -10.39
C PHE A 205 -9.35 -10.95 -10.08
N SER A 206 -10.49 -11.24 -9.47
CA SER A 206 -10.82 -12.59 -9.06
C SER A 206 -11.35 -13.41 -10.22
N ILE A 207 -11.02 -14.70 -10.21
CA ILE A 207 -11.47 -15.65 -11.22
C ILE A 207 -11.83 -16.97 -10.54
N PRO A 208 -12.63 -17.80 -11.21
CA PRO A 208 -12.77 -19.18 -10.74
C PRO A 208 -11.42 -19.87 -10.77
N ASN A 209 -11.23 -20.86 -9.90
CA ASN A 209 -9.95 -21.56 -9.98
C ASN A 209 -10.23 -22.69 -10.95
N TYR A 210 -10.03 -22.38 -12.24
CA TYR A 210 -10.35 -23.31 -13.31
C TYR A 210 -9.20 -24.24 -13.61
N LEU A 211 -7.97 -23.78 -13.37
CA LEU A 211 -6.81 -24.65 -13.39
C LEU A 211 -6.77 -25.56 -12.18
N GLN A 212 -7.61 -25.28 -11.18
CA GLN A 212 -7.66 -26.08 -9.97
C GLN A 212 -6.30 -26.12 -9.28
N LEU A 213 -5.62 -24.98 -9.28
CA LEU A 213 -4.38 -24.85 -8.53
C LEU A 213 -4.65 -25.08 -7.05
N ASP A 214 -3.64 -25.61 -6.37
CA ASP A 214 -3.73 -25.89 -4.93
C ASP A 214 -2.54 -25.20 -4.25
N HIS A 215 -2.83 -24.16 -3.48
CA HIS A 215 -1.80 -23.40 -2.76
C HIS A 215 -0.60 -23.11 -3.66
N CYS A 216 -0.89 -22.55 -4.84
CA CYS A 216 0.12 -22.39 -5.87
C CYS A 216 -0.12 -21.10 -6.66
N GLU A 217 0.97 -20.49 -7.09
CA GLU A 217 0.96 -19.38 -8.04
C GLU A 217 1.78 -19.77 -9.26
N THR A 218 1.17 -19.66 -10.43
CA THR A 218 1.85 -19.89 -11.71
C THR A 218 1.97 -18.57 -12.46
N LEU A 219 3.14 -18.31 -13.05
CA LEU A 219 3.42 -17.06 -13.74
C LEU A 219 4.05 -17.30 -15.11
N LEU A 220 3.73 -16.41 -16.05
CA LEU A 220 4.46 -16.25 -17.31
C LEU A 220 5.06 -14.85 -17.34
N GLU A 221 6.39 -14.78 -17.45
CA GLU A 221 7.08 -13.50 -17.55
C GLU A 221 7.77 -13.40 -18.90
N ALA A 222 7.27 -12.50 -19.76
CA ALA A 222 7.89 -12.27 -21.06
C ALA A 222 7.50 -10.89 -21.60
N LYS A 223 8.38 -10.34 -22.43
CA LYS A 223 8.08 -9.14 -23.21
C LYS A 223 7.73 -7.95 -22.32
N GLN A 224 8.43 -7.77 -21.21
CA GLN A 224 8.15 -6.68 -20.27
C GLN A 224 6.73 -6.78 -19.71
N LYS A 225 6.23 -8.01 -19.59
CA LYS A 225 4.87 -8.25 -19.12
C LYS A 225 4.87 -9.47 -18.21
N LEU A 226 4.02 -9.45 -17.19
CA LEU A 226 3.91 -10.52 -16.21
C LEU A 226 2.45 -10.88 -16.02
N VAL A 227 2.12 -12.15 -16.26
CA VAL A 227 0.78 -12.69 -16.02
C VAL A 227 0.87 -13.74 -14.91
N SER A 228 -0.09 -13.72 -14.00
CA SER A 228 -0.06 -14.61 -12.85
CA SER A 228 -0.07 -14.58 -12.83
C SER A 228 -1.46 -15.13 -12.55
N ILE A 229 -1.50 -16.37 -12.04
CA ILE A 229 -2.70 -16.99 -11.50
C ILE A 229 -2.34 -17.58 -10.14
N THR A 230 -3.09 -17.20 -9.10
CA THR A 230 -2.80 -17.63 -7.73
C THR A 230 -4.07 -18.11 -7.03
N SER A 231 -3.95 -19.24 -6.34
CA SER A 231 -4.98 -19.75 -5.45
C SER A 231 -4.30 -20.20 -4.16
N ASP A 232 -4.73 -19.67 -3.02
CA ASP A 232 -4.05 -20.05 -1.79
C ASP A 232 -4.97 -20.69 -0.76
N LYS A 233 -5.73 -19.90 0.02
CA LYS A 233 -6.45 -20.48 1.15
C LYS A 233 -7.75 -21.12 0.73
N ASP A 234 -8.39 -20.60 -0.30
CA ASP A 234 -9.71 -21.05 -0.75
C ASP A 234 -9.54 -21.66 -2.14
N SER A 235 -9.67 -22.98 -2.23
CA SER A 235 -9.44 -23.69 -3.48
C SER A 235 -10.52 -23.43 -4.52
N THR A 236 -11.66 -22.84 -4.14
CA THR A 236 -12.67 -22.45 -5.11
C THR A 236 -12.40 -21.08 -5.71
N LYS A 237 -11.31 -20.42 -5.31
CA LYS A 237 -11.00 -19.07 -5.75
C LYS A 237 -9.60 -19.01 -6.32
N ALA A 238 -9.42 -18.09 -7.26
CA ALA A 238 -8.11 -17.76 -7.76
C ALA A 238 -8.07 -16.28 -8.08
N PHE A 239 -6.86 -15.75 -8.22
CA PHE A 239 -6.64 -14.35 -8.50
C PHE A 239 -5.73 -14.20 -9.70
N ALA A 240 -6.22 -13.54 -10.73
CA ALA A 240 -5.40 -13.17 -11.88
C ALA A 240 -4.66 -11.88 -11.57
N GLY A 241 -3.47 -11.76 -12.10
CA GLY A 241 -2.75 -10.51 -11.99
C GLY A 241 -1.92 -10.25 -13.22
N PHE A 242 -1.70 -8.96 -13.44
CA PHE A 242 -1.10 -8.44 -14.65
C PHE A 242 -0.21 -7.29 -14.20
N MET A 243 1.02 -7.29 -14.66
CA MET A 243 1.91 -6.17 -14.41
C MET A 243 2.76 -6.00 -15.65
N PHE A 244 2.86 -4.75 -16.14
CA PHE A 244 3.57 -4.53 -17.38
C PHE A 244 4.03 -3.09 -17.46
N ARG A 245 5.01 -2.87 -18.33
CA ARG A 245 5.54 -1.56 -18.64
C ARG A 245 5.03 -1.13 -20.00
N SER A 246 4.41 0.05 -20.06
CA SER A 246 3.98 0.61 -21.34
C SER A 246 3.96 2.13 -21.23
N SER A 247 4.37 2.80 -22.31
CA SER A 247 4.29 4.25 -22.40
C SER A 247 2.90 4.74 -22.79
N ASN A 248 2.02 3.85 -23.24
CA ASN A 248 0.65 4.22 -23.57
C ASN A 248 -0.19 4.31 -22.29
N SER A 249 -1.46 4.70 -22.47
CA SER A 249 -2.42 4.79 -21.40
C SER A 249 -3.74 4.27 -21.89
N PRO A 250 -4.64 3.86 -20.99
CA PRO A 250 -6.03 3.67 -21.38
C PRO A 250 -6.57 4.97 -21.94
N ASN A 251 -7.57 4.85 -22.82
CA ASN A 251 -8.15 6.06 -23.38
C ASN A 251 -8.83 6.89 -22.30
N TYR A 252 -9.42 6.26 -21.29
CA TYR A 252 -9.93 6.96 -20.11
C TYR A 252 -9.40 6.25 -18.86
N ILE A 253 -8.47 6.89 -18.15
CA ILE A 253 -7.67 6.18 -17.15
C ILE A 253 -8.49 5.77 -15.94
N ARG A 254 -9.53 6.54 -15.61
CA ARG A 254 -10.33 6.29 -14.43
C ARG A 254 -11.58 5.47 -14.72
N ASP A 255 -11.76 5.00 -15.96
CA ASP A 255 -12.95 4.28 -16.39
C ASP A 255 -12.65 2.79 -16.47
N GLU A 256 -13.39 2.00 -15.71
CA GLU A 256 -13.13 0.56 -15.64
C GLU A 256 -13.17 -0.09 -17.03
N ALA A 257 -14.18 0.24 -17.83
CA ALA A 257 -14.31 -0.39 -19.14
C ALA A 257 -13.10 -0.10 -20.02
N SER A 258 -12.65 1.16 -20.02
CA SER A 258 -11.48 1.54 -20.79
C SER A 258 -10.22 0.82 -20.29
N GLN A 259 -10.11 0.66 -18.96
CA GLN A 259 -8.97 -0.06 -18.38
C GLN A 259 -8.94 -1.50 -18.86
N LYS A 260 -10.10 -2.17 -18.84
CA LYS A 260 -10.18 -3.53 -19.35
C LYS A 260 -9.81 -3.59 -20.83
N ASP A 261 -10.27 -2.63 -21.62
CA ASP A 261 -9.88 -2.60 -23.04
C ASP A 261 -8.36 -2.48 -23.16
N PHE A 262 -7.75 -1.67 -22.29
CA PHE A 262 -6.30 -1.49 -22.32
C PHE A 262 -5.59 -2.81 -22.01
N LEU A 263 -6.11 -3.58 -21.05
CA LEU A 263 -5.51 -4.88 -20.75
C LEU A 263 -5.65 -5.84 -21.91
N ARG A 264 -6.81 -5.86 -22.57
CA ARG A 264 -6.99 -6.72 -23.74
C ARG A 264 -5.96 -6.40 -24.81
N GLU A 265 -5.78 -5.11 -25.12
CA GLU A 265 -4.84 -4.71 -26.17
C GLU A 265 -3.43 -5.17 -25.85
N ASN A 266 -3.04 -5.11 -24.59
CA ASN A 266 -1.68 -5.47 -24.23
C ASN A 266 -1.46 -6.98 -24.07
N PHE A 267 -2.45 -7.72 -23.57
CA PHE A 267 -2.26 -9.14 -23.28
C PHE A 267 -2.90 -10.13 -24.26
N THR A 268 -3.65 -9.71 -25.28
CA THR A 268 -4.20 -10.71 -26.20
C THR A 268 -3.05 -11.42 -26.93
N ASN A 269 -3.08 -12.76 -26.89
CA ASN A 269 -2.07 -13.60 -27.54
C ASN A 269 -0.69 -13.45 -26.91
N HIS A 270 -0.63 -13.05 -25.65
CA HIS A 270 0.65 -12.95 -24.96
C HIS A 270 1.23 -14.32 -24.61
N GLY A 271 0.41 -15.36 -24.63
CA GLY A 271 0.84 -16.69 -24.27
C GLY A 271 0.22 -17.19 -22.97
N TRP A 272 0.41 -18.48 -22.75
CA TRP A 272 -0.14 -19.22 -21.60
C TRP A 272 -1.64 -18.91 -21.54
N GLU A 273 -2.19 -18.52 -20.39
CA GLU A 273 -3.62 -18.40 -20.17
C GLU A 273 -4.17 -17.01 -20.44
N SER A 274 -3.35 -16.10 -20.98
CA SER A 274 -3.71 -14.69 -21.10
C SER A 274 -5.11 -14.48 -21.69
N ASN A 275 -5.42 -15.14 -22.81
CA ASN A 275 -6.72 -14.91 -23.46
C ASN A 275 -7.86 -15.39 -22.58
N LYS A 276 -7.69 -16.57 -21.98
CA LYS A 276 -8.69 -17.10 -21.05
C LYS A 276 -8.95 -16.11 -19.91
N LEU A 277 -7.89 -15.61 -19.28
CA LEU A 277 -8.05 -14.67 -18.18
C LEU A 277 -8.79 -13.41 -18.63
N LEU A 278 -8.47 -12.90 -19.82
CA LEU A 278 -9.16 -11.72 -20.32
C LEU A 278 -10.65 -11.97 -20.52
N SER A 279 -11.03 -13.20 -20.89
CA SER A 279 -12.44 -13.50 -21.08
C SER A 279 -13.19 -13.60 -19.76
N LEU A 280 -12.53 -14.08 -18.70
CA LEU A 280 -13.13 -14.11 -17.37
C LEU A 280 -13.16 -12.74 -16.71
N MET A 281 -12.53 -11.75 -17.33
CA MET A 281 -12.34 -10.46 -16.68
C MET A 281 -13.66 -9.79 -16.33
N ASN A 282 -14.66 -9.90 -17.21
CA ASN A 282 -15.94 -9.23 -16.97
C ASN A 282 -16.82 -9.92 -15.95
N ASP A 283 -16.51 -11.17 -15.59
CA ASP A 283 -17.23 -11.84 -14.50
C ASP A 283 -16.64 -11.54 -13.13
N ALA A 284 -15.53 -10.79 -13.05
CA ALA A 284 -14.75 -10.71 -11.83
C ALA A 284 -15.53 -10.06 -10.68
N ASN A 285 -16.00 -8.82 -10.89
CA ASN A 285 -16.73 -8.04 -9.90
C ASN A 285 -15.86 -7.38 -8.82
N ASP A 286 -14.62 -7.81 -8.63
CA ASP A 286 -13.64 -7.12 -7.76
C ASP A 286 -12.57 -6.30 -8.51
N PHE A 287 -12.72 -6.07 -9.82
CA PHE A 287 -11.62 -5.61 -10.67
C PHE A 287 -10.86 -4.43 -10.06
N TYR A 288 -9.52 -4.47 -10.17
CA TYR A 288 -8.62 -3.41 -9.75
C TYR A 288 -7.61 -3.12 -10.85
N PHE A 289 -7.40 -1.86 -11.16
CA PHE A 289 -6.41 -1.44 -12.15
C PHE A 289 -5.84 -0.08 -11.75
N ASP A 290 -4.54 0.12 -11.89
CA ASP A 290 -4.01 1.47 -11.78
C ASP A 290 -2.65 1.58 -12.44
N ALA A 291 -2.29 2.81 -12.76
CA ALA A 291 -0.91 3.13 -13.07
C ALA A 291 -0.09 3.07 -11.81
N ILE A 292 1.17 2.69 -11.96
CA ILE A 292 2.12 2.67 -10.85
C ILE A 292 2.59 4.11 -10.61
N MET A 293 2.34 4.62 -9.41
CA MET A 293 2.60 6.02 -9.12
C MET A 293 3.22 6.17 -7.74
N GLN A 294 3.89 7.31 -7.54
CA GLN A 294 4.51 7.67 -6.28
C GLN A 294 4.15 9.11 -5.93
N VAL A 295 3.92 9.37 -4.65
CA VAL A 295 3.63 10.72 -4.18
C VAL A 295 4.94 11.39 -3.79
N LYS A 296 5.18 12.57 -4.35
CA LYS A 296 6.44 13.30 -4.13
C LYS A 296 6.12 14.66 -3.52
N MET A 297 6.53 14.87 -2.27
CA MET A 297 6.34 16.13 -1.58
C MET A 297 7.63 16.54 -0.90
N LYS A 298 7.83 17.85 -0.73
CA LYS A 298 8.95 18.33 0.08
C LYS A 298 8.62 18.33 1.57
N ASP A 299 7.35 18.52 1.93
CA ASP A 299 6.91 18.52 3.32
C ASP A 299 5.57 17.81 3.41
N TRP A 300 5.45 16.86 4.32
CA TRP A 300 4.21 16.09 4.48
C TRP A 300 3.24 16.78 5.45
N THR A 301 3.57 17.98 5.93
CA THR A 301 2.75 18.69 6.91
C THR A 301 2.54 20.13 6.50
N LYS A 302 1.37 20.67 6.85
CA LYS A 302 1.09 22.10 6.73
C LYS A 302 0.28 22.55 7.94
N GLY A 303 0.82 23.50 8.69
CA GLY A 303 0.11 23.98 9.86
C GLY A 303 -0.12 22.86 10.86
N ARG A 304 -1.38 22.63 11.17
CA ARG A 304 -1.86 21.61 12.10
C ARG A 304 -2.27 20.32 11.41
N ILE A 305 -2.01 20.17 10.11
CA ILE A 305 -2.41 19.00 9.32
C ILE A 305 -1.16 18.26 8.86
N ALA A 306 -1.24 16.93 8.83
CA ALA A 306 -0.14 16.09 8.36
C ALA A 306 -0.68 14.91 7.56
N LEU A 307 0.19 14.37 6.70
CA LEU A 307 -0.09 13.19 5.91
C LEU A 307 0.77 12.03 6.40
N VAL A 308 0.21 10.83 6.39
CA VAL A 308 0.94 9.63 6.79
C VAL A 308 0.59 8.51 5.82
N GLY A 309 1.53 7.60 5.59
CA GLY A 309 1.29 6.48 4.71
C GLY A 309 1.24 6.90 3.25
N ASP A 310 0.50 6.13 2.45
CA ASP A 310 0.47 6.35 1.01
C ASP A 310 0.08 7.78 0.64
N ALA A 311 -0.85 8.39 1.38
CA ALA A 311 -1.26 9.75 1.03
C ALA A 311 -0.09 10.69 0.90
N GLY A 312 0.89 10.59 1.79
CA GLY A 312 2.09 11.38 1.59
C GLY A 312 3.15 10.88 0.63
N TYR A 313 3.61 9.66 0.86
CA TYR A 313 4.85 9.18 0.27
C TYR A 313 4.75 7.92 -0.61
N THR A 314 3.58 7.51 -1.14
CA THR A 314 3.46 6.14 -1.67
C THR A 314 4.71 5.75 -2.48
N PRO A 315 5.42 4.66 -2.10
CA PRO A 315 6.48 4.08 -2.95
C PRO A 315 6.01 3.26 -4.16
N SER A 316 4.74 2.87 -4.17
CA SER A 316 4.03 2.07 -5.18
C SER A 316 4.16 0.57 -5.02
N PRO A 317 3.22 -0.18 -5.61
CA PRO A 317 3.26 -1.65 -5.49
C PRO A 317 4.54 -2.31 -5.98
N LEU A 318 5.24 -1.73 -6.96
CA LEU A 318 6.48 -2.36 -7.44
C LEU A 318 7.58 -2.36 -6.37
N SER A 319 7.49 -1.45 -5.40
CA SER A 319 8.49 -1.46 -4.34
C SER A 319 8.23 -2.58 -3.35
N GLY A 320 6.97 -2.96 -3.17
CA GLY A 320 6.59 -3.89 -2.12
C GLY A 320 6.75 -3.33 -0.72
N GLN A 321 7.17 -2.07 -0.58
CA GLN A 321 7.47 -1.46 0.70
C GLN A 321 6.37 -0.55 1.24
N GLY A 322 5.22 -0.43 0.56
CA GLY A 322 4.21 0.54 0.99
C GLY A 322 3.68 0.27 2.39
N THR A 323 3.39 -0.99 2.71
CA THR A 323 2.85 -1.30 4.03
C THR A 323 3.89 -1.06 5.11
N SER A 324 5.14 -1.43 4.86
CA SER A 324 6.20 -1.21 5.84
C SER A 324 6.35 0.28 6.15
N LEU A 325 6.33 1.11 5.10
CA LEU A 325 6.51 2.55 5.26
C LEU A 325 5.30 3.18 5.96
N ALA A 326 4.10 2.66 5.69
CA ALA A 326 2.92 3.13 6.40
C ALA A 326 3.04 2.85 7.91
N LEU A 327 3.50 1.65 8.26
CA LEU A 327 3.63 1.30 9.68
C LEU A 327 4.69 2.15 10.37
N VAL A 328 5.87 2.27 9.75
CA VAL A 328 6.95 3.06 10.32
C VAL A 328 6.57 4.54 10.36
N GLY A 329 5.89 5.02 9.33
CA GLY A 329 5.46 6.42 9.32
C GLY A 329 4.54 6.74 10.47
N ALA A 330 3.60 5.84 10.75
CA ALA A 330 2.71 6.05 11.90
C ALA A 330 3.49 6.01 13.20
N TYR A 331 4.42 5.07 13.33
CA TYR A 331 5.19 4.92 14.56
C TYR A 331 5.97 6.20 14.87
N ILE A 332 6.66 6.75 13.88
CA ILE A 332 7.53 7.89 14.12
C ILE A 332 6.71 9.15 14.38
N LEU A 333 5.68 9.40 13.57
CA LEU A 333 4.84 10.58 13.78
C LEU A 333 4.29 10.60 15.20
N ALA A 334 3.75 9.47 15.67
CA ALA A 334 3.19 9.43 17.02
C ALA A 334 4.29 9.61 18.06
N GLY A 335 5.46 9.03 17.82
CA GLY A 335 6.55 9.15 18.78
C GLY A 335 7.10 10.56 18.86
N GLU A 336 7.24 11.23 17.72
CA GLU A 336 7.67 12.63 17.76
C GLU A 336 6.63 13.51 18.43
N LEU A 337 5.34 13.27 18.16
CA LEU A 337 4.29 14.02 18.86
C LEU A 337 4.34 13.79 20.36
N LYS A 338 4.72 12.58 20.79
CA LYS A 338 4.88 12.29 22.21
C LYS A 338 6.05 13.07 22.80
N THR A 339 7.11 13.24 22.01
CA THR A 339 8.38 13.81 22.46
C THR A 339 8.39 15.33 22.47
N ALA A 340 7.79 15.97 21.47
CA ALA A 340 8.08 17.35 21.14
C ALA A 340 7.40 18.33 22.09
N THR A 341 7.98 19.54 22.15
CA THR A 341 7.36 20.66 22.85
C THR A 341 6.03 21.04 22.22
N ASP A 342 5.93 20.94 20.90
CA ASP A 342 4.74 21.36 20.16
C ASP A 342 4.71 20.64 18.83
N HIS A 343 3.54 20.68 18.20
CA HIS A 343 3.34 19.94 16.95
C HIS A 343 4.27 20.41 15.84
N VAL A 344 4.65 21.69 15.84
CA VAL A 344 5.54 22.18 14.79
C VAL A 344 6.90 21.51 14.89
N ALA A 345 7.46 21.44 16.10
CA ALA A 345 8.71 20.72 16.29
C ALA A 345 8.56 19.25 15.92
N ALA A 346 7.45 18.64 16.32
CA ALA A 346 7.22 17.23 16.01
C ALA A 346 7.19 16.99 14.51
N PHE A 347 6.40 17.81 13.79
CA PHE A 347 6.30 17.65 12.34
C PHE A 347 7.65 17.79 11.66
N ALA A 348 8.53 18.67 12.18
CA ALA A 348 9.86 18.84 11.59
C ALA A 348 10.71 17.58 11.76
N ARG A 349 10.68 16.98 12.95
CA ARG A 349 11.41 15.72 13.17
C ARG A 349 10.85 14.60 12.31
N TYR A 350 9.51 14.51 12.23
CA TYR A 350 8.86 13.54 11.37
C TYR A 350 9.42 13.60 9.95
N ASN A 351 9.41 14.79 9.34
CA ASN A 351 9.96 14.96 8.00
C ASN A 351 11.43 14.55 7.95
N GLU A 352 12.20 14.95 8.96
CA GLU A 352 13.65 14.73 8.92
C GLU A 352 14.01 13.25 9.06
N LEU A 353 13.38 12.56 10.02
CA LEU A 353 13.75 11.17 10.29
C LEU A 353 13.25 10.22 9.22
N LEU A 354 12.03 10.45 8.71
CA LEU A 354 11.47 9.53 7.73
C LEU A 354 12.00 9.74 6.32
N LYS A 355 12.52 10.93 5.99
CA LYS A 355 12.88 11.23 4.60
C LYS A 355 13.84 10.22 3.99
N PRO A 356 14.97 9.86 4.63
CA PRO A 356 15.88 8.90 3.99
C PRO A 356 15.21 7.56 3.72
N TYR A 357 14.24 7.18 4.56
CA TYR A 357 13.54 5.91 4.38
C TYR A 357 12.55 6.00 3.21
N VAL A 358 11.82 7.11 3.12
CA VAL A 358 10.95 7.35 1.97
C VAL A 358 11.77 7.35 0.69
N GLU A 359 12.88 8.10 0.69
CA GLU A 359 13.71 8.23 -0.51
C GLU A 359 14.23 6.87 -0.98
N ALA A 360 14.79 6.09 -0.07
CA ALA A 360 15.34 4.79 -0.44
C ALA A 360 14.25 3.85 -0.97
N ASN A 361 13.08 3.84 -0.33
CA ASN A 361 12.01 2.96 -0.78
C ASN A 361 11.45 3.40 -2.12
N GLN A 362 11.37 4.71 -2.37
CA GLN A 362 10.88 5.18 -3.66
C GLN A 362 11.89 4.90 -4.76
N ALA A 363 13.19 4.95 -4.46
CA ALA A 363 14.19 4.63 -5.47
C ALA A 363 14.16 3.16 -5.84
N PHE A 364 13.82 2.29 -4.88
CA PHE A 364 13.69 0.87 -5.20
C PHE A 364 12.51 0.65 -6.14
N GLY A 365 11.38 1.31 -5.90
CA GLY A 365 10.25 1.19 -6.80
C GLY A 365 10.58 1.63 -8.21
N VAL A 366 11.33 2.71 -8.35
CA VAL A 366 11.75 3.17 -9.67
C VAL A 366 12.64 2.13 -10.33
N TRP A 367 13.59 1.58 -9.59
CA TRP A 367 14.49 0.58 -10.16
C TRP A 367 13.69 -0.63 -10.67
N VAL A 368 12.72 -1.09 -9.89
CA VAL A 368 11.90 -2.21 -10.32
C VAL A 368 11.17 -1.86 -11.61
N SER A 369 10.61 -0.64 -11.68
CA SER A 369 9.79 -0.27 -12.82
C SER A 369 10.59 -0.29 -14.11
N GLU A 370 11.86 0.11 -14.04
CA GLU A 370 12.75 0.13 -15.19
C GLU A 370 13.49 -1.20 -15.46
N SER A 371 14.05 -1.81 -14.41
CA SER A 371 15.03 -2.90 -14.58
C SER A 371 14.57 -4.32 -14.28
N PHE A 372 13.34 -4.54 -13.81
CA PHE A 372 12.99 -5.88 -13.31
C PHE A 372 12.50 -6.81 -14.43
N LEU A 373 11.41 -6.43 -15.10
CA LEU A 373 10.76 -7.28 -16.08
C LEU A 373 11.71 -7.75 -17.18
N ALA A 374 11.72 -9.06 -17.41
CA ALA A 374 12.52 -9.69 -18.45
C ALA A 374 11.86 -9.60 -19.82
N ASP A 375 12.68 -9.68 -20.87
CA ASP A 375 12.17 -9.74 -22.24
C ASP A 375 11.66 -11.13 -22.59
N GLU A 376 12.26 -12.18 -22.06
CA GLU A 376 11.84 -13.55 -22.33
C GLU A 376 11.98 -14.37 -21.06
N PRO A 377 11.24 -15.47 -20.95
CA PRO A 377 11.24 -16.23 -19.69
C PRO A 377 12.65 -16.63 -19.28
N LEU A 378 12.90 -16.56 -17.97
CA LEU A 378 14.19 -16.86 -17.39
C LEU A 378 14.32 -18.34 -17.07
N SER A 379 15.54 -18.86 -17.19
CA SER A 379 15.80 -20.22 -16.73
C SER A 379 15.76 -20.27 -15.22
N ALA A 380 15.93 -21.46 -14.67
CA ALA A 380 16.00 -21.60 -13.21
C ALA A 380 17.23 -20.91 -12.67
N GLU A 381 18.33 -20.93 -13.42
CA GLU A 381 19.57 -20.31 -12.98
C GLU A 381 19.52 -18.80 -13.13
N GLN A 382 18.93 -18.31 -14.22
CA GLN A 382 18.78 -16.87 -14.42
C GLN A 382 17.84 -16.26 -13.38
N ALA A 383 16.75 -16.98 -13.04
CA ALA A 383 15.83 -16.50 -12.02
C ALA A 383 16.53 -16.38 -10.68
N GLU A 384 17.33 -17.39 -10.33
CA GLU A 384 18.09 -17.34 -9.09
C GLU A 384 18.98 -16.11 -9.05
N GLU A 385 19.74 -15.87 -10.13
CA GLU A 385 20.65 -14.73 -10.17
C GLU A 385 19.90 -13.42 -9.96
N ARG A 386 18.76 -13.24 -10.64
CA ARG A 386 18.01 -12.00 -10.51
C ARG A 386 17.51 -11.84 -9.07
N ASN A 387 16.93 -12.89 -8.50
CA ASN A 387 16.41 -12.80 -7.14
C ASN A 387 17.46 -12.29 -6.16
N ASN A 388 18.69 -12.79 -6.26
CA ASN A 388 19.73 -12.33 -5.36
C ASN A 388 20.04 -10.86 -5.58
N ILE A 389 20.01 -10.42 -6.84
CA ILE A 389 20.20 -8.99 -7.12
C ILE A 389 19.07 -8.17 -6.52
N VAL A 390 17.82 -8.62 -6.70
CA VAL A 390 16.69 -7.89 -6.17
C VAL A 390 16.79 -7.76 -4.66
N LEU A 391 17.16 -8.86 -3.98
CA LEU A 391 17.29 -8.82 -2.53
C LEU A 391 18.35 -7.82 -2.09
N GLY A 392 19.49 -7.79 -2.80
CA GLY A 392 20.55 -6.87 -2.44
C GLY A 392 20.13 -5.42 -2.62
N ILE A 393 19.49 -5.11 -3.74
CA ILE A 393 19.01 -3.76 -3.99
C ILE A 393 17.90 -3.40 -3.00
N MET A 394 17.00 -4.35 -2.73
CA MET A 394 15.90 -4.08 -1.80
C MET A 394 16.42 -3.82 -0.39
N LYS A 395 17.51 -4.49 -0.01
CA LYS A 395 18.06 -4.32 1.34
C LYS A 395 18.44 -2.87 1.60
N LYS A 396 18.90 -2.14 0.59
CA LYS A 396 19.24 -0.73 0.77
C LYS A 396 18.02 0.06 1.24
N ALA A 397 16.82 -0.33 0.79
CA ALA A 397 15.59 0.32 1.24
C ALA A 397 15.17 -0.15 2.62
N THR A 398 15.11 -1.47 2.85
CA THR A 398 14.55 -1.98 4.10
C THR A 398 15.39 -1.57 5.30
N HIS A 399 16.70 -1.48 5.12
CA HIS A 399 17.65 -1.13 6.17
C HIS A 399 18.07 0.34 6.16
N ALA A 400 17.41 1.19 5.36
CA ALA A 400 17.87 2.56 5.15
C ALA A 400 18.01 3.36 6.45
N ILE A 401 17.11 3.18 7.42
CA ILE A 401 17.16 3.92 8.68
C ILE A 401 17.02 2.95 9.83
N GLU A 402 17.38 3.42 11.02
CA GLU A 402 17.12 2.72 12.26
C GLU A 402 15.82 3.21 12.87
N LEU A 403 15.09 2.30 13.51
CA LEU A 403 13.84 2.68 14.16
C LEU A 403 14.15 3.53 15.40
N PRO A 404 13.61 4.74 15.52
CA PRO A 404 13.84 5.52 16.74
C PRO A 404 13.22 4.85 17.96
N GLU A 405 13.72 5.21 19.13
CA GLU A 405 13.19 4.74 20.41
C GLU A 405 12.51 5.91 21.13
N TYR A 406 11.37 5.63 21.74
CA TYR A 406 10.55 6.68 22.36
C TYR A 406 10.21 6.35 23.81
P PO4 B . -2.23 3.54 3.79
O1 PO4 B . -0.85 4.13 3.76
O2 PO4 B . -2.83 3.75 5.15
O3 PO4 B . -2.15 2.06 3.51
O4 PO4 B . -3.09 4.17 2.73
#